data_7WZZ
#
_entry.id   7WZZ
#
_cell.length_a   50.767
_cell.length_b   81.582
_cell.length_c   109.426
_cell.angle_alpha   90.00
_cell.angle_beta   90.00
_cell.angle_gamma   90.00
#
_symmetry.space_group_name_H-M   'P 21 21 21'
#
loop_
_entity.id
_entity.type
_entity.pdbx_description
1 polymer 'MHC class I antigen'
2 polymer Beta-2-microglobulin
3 polymer LYS-ALA-GLY-GLN-VAL-VAL-THR-ILE-TRP
4 non-polymer GLYCEROL
5 water water
#
loop_
_entity_poly.entity_id
_entity_poly.type
_entity_poly.pdbx_seq_one_letter_code
_entity_poly.pdbx_strand_id
1 'polypeptide(L)'
;GSHSMRYFYTAMSRPGRGEPRFIAVGYVDDTQFVRFDSDAASPRTEPRAPWIEQEGPEYWDGETRNMKASAQTYRENLRI
ALRYYNQSEAGSHIIQRMYGCDLGPDGRLLRGHDQSAYDGKDYIALNEDLSSWTAADTAAQITQRKWEAARVAEQLRAYL
EGLCVEWLRRYLENGKETLQRADPPKTHVTHHPVSDHEATLRCWALGFYPAEITLTWQRDGEDQTQDTELVETRPAGDRT
FQKWAAVVVPSGEEQRYTCHVQHEGLPKPLTLRWEPS
;
A
2 'polypeptide(L)'
;IQRTPKIQVYSRHPAENGKSNFLNCYVSGFHPSDIEVDLLKNGERIEKVEHSDLSFSKDWSFYLLYYTEFTPTEKDEYAC
RVNHVTLSQPKIVKWDRDM
;
B
3 'polypeptide(L)' KAGQVVTIW C
#
# COMPACT_ATOMS: atom_id res chain seq x y z
N GLY A 1 -11.12 5.83 -17.08
CA GLY A 1 -9.68 5.82 -16.92
C GLY A 1 -9.07 4.44 -17.06
N SER A 2 -7.77 4.34 -16.79
CA SER A 2 -7.07 3.06 -16.77
C SER A 2 -7.37 2.36 -15.46
N HIS A 3 -7.25 1.03 -15.46
CA HIS A 3 -7.58 0.24 -14.28
C HIS A 3 -6.63 -0.94 -14.19
N SER A 4 -6.45 -1.46 -12.99
CA SER A 4 -5.59 -2.60 -12.77
C SER A 4 -6.21 -3.54 -11.73
N MET A 5 -5.79 -4.80 -11.79
CA MET A 5 -6.02 -5.75 -10.70
C MET A 5 -4.67 -6.28 -10.26
N ARG A 6 -4.47 -6.38 -8.95
CA ARG A 6 -3.21 -6.85 -8.40
C ARG A 6 -3.46 -7.72 -7.19
N TYR A 7 -2.78 -8.85 -7.15
CA TYR A 7 -2.70 -9.68 -5.96
C TYR A 7 -1.31 -9.56 -5.35
N PHE A 8 -1.26 -9.58 -4.03
CA PHE A 8 -0.02 -9.46 -3.26
C PHE A 8 0.02 -10.63 -2.27
N TYR A 9 1.07 -11.44 -2.36
CA TYR A 9 1.27 -12.55 -1.42
C TYR A 9 2.49 -12.23 -0.58
N THR A 10 2.39 -12.52 0.71
CA THR A 10 3.53 -12.44 1.65
C THR A 10 3.59 -13.76 2.41
N ALA A 11 4.75 -14.41 2.37
CA ALA A 11 4.98 -15.64 3.11
C ALA A 11 6.17 -15.39 4.04
N MET A 12 5.97 -15.61 5.35
CA MET A 12 6.94 -15.22 6.37
C MET A 12 7.27 -16.42 7.25
N SER A 13 8.49 -16.93 7.18
CA SER A 13 8.86 -18.02 8.07
C SER A 13 9.17 -17.49 9.46
N ARG A 14 9.11 -18.42 10.43
CA ARG A 14 9.23 -18.05 11.83
C ARG A 14 9.65 -19.32 12.55
N PRO A 15 10.88 -19.80 12.36
CA PRO A 15 11.27 -21.10 12.95
C PRO A 15 11.03 -21.14 14.45
N GLY A 16 10.43 -22.22 14.91
CA GLY A 16 10.10 -22.36 16.32
C GLY A 16 8.73 -21.85 16.66
N ARG A 17 8.04 -21.21 15.70
CA ARG A 17 6.72 -20.63 15.92
C ARG A 17 5.75 -21.08 14.85
N GLY A 18 5.86 -22.32 14.43
CA GLY A 18 4.93 -22.94 13.49
C GLY A 18 5.39 -22.75 12.04
N GLU A 19 4.49 -23.07 11.15
CA GLU A 19 4.74 -22.95 9.73
C GLU A 19 4.66 -21.50 9.30
N PRO A 20 5.26 -21.16 8.16
CA PRO A 20 5.27 -19.76 7.73
C PRO A 20 3.85 -19.20 7.56
N ARG A 21 3.67 -17.96 7.99
CA ARG A 21 2.39 -17.29 7.77
C ARG A 21 2.27 -16.89 6.29
N PHE A 22 1.10 -17.07 5.72
CA PHE A 22 0.81 -16.67 4.35
C PHE A 22 -0.39 -15.71 4.38
N ILE A 23 -0.18 -14.51 3.85
CA ILE A 23 -1.24 -13.51 3.71
C ILE A 23 -1.33 -13.12 2.24
N ALA A 24 -2.54 -13.11 1.70
CA ALA A 24 -2.77 -12.63 0.34
C ALA A 24 -3.85 -11.57 0.40
N VAL A 25 -3.66 -10.51 -0.39
CA VAL A 25 -4.69 -9.48 -0.57
C VAL A 25 -4.83 -9.21 -2.06
N GLY A 26 -6.04 -8.84 -2.46
CA GLY A 26 -6.33 -8.46 -3.84
C GLY A 26 -6.88 -7.07 -3.89
N TYR A 27 -6.47 -6.31 -4.91
CA TYR A 27 -6.87 -4.93 -5.17
C TYR A 27 -7.38 -4.78 -6.59
N VAL A 28 -8.38 -3.91 -6.76
CA VAL A 28 -8.67 -3.27 -8.04
C VAL A 28 -8.28 -1.82 -7.83
N ASP A 29 -7.35 -1.33 -8.64
CA ASP A 29 -6.81 0.02 -8.42
C ASP A 29 -6.40 0.17 -6.97
N ASP A 30 -6.86 1.20 -6.26
CA ASP A 30 -6.49 1.40 -4.86
C ASP A 30 -7.58 0.93 -3.91
N THR A 31 -8.40 -0.03 -4.34
CA THR A 31 -9.48 -0.60 -3.53
C THR A 31 -9.19 -2.06 -3.25
N GLN A 32 -8.93 -2.38 -1.99
CA GLN A 32 -8.78 -3.77 -1.62
C GLN A 32 -10.13 -4.46 -1.68
N PHE A 33 -10.17 -5.70 -2.18
CA PHE A 33 -11.45 -6.41 -2.25
C PHE A 33 -11.47 -7.81 -1.65
N VAL A 34 -10.30 -8.45 -1.44
CA VAL A 34 -10.25 -9.75 -0.77
C VAL A 34 -9.03 -9.80 0.12
N ARG A 35 -9.11 -10.68 1.11
CA ARG A 35 -7.95 -11.02 1.93
C ARG A 35 -7.98 -12.51 2.25
N PHE A 36 -6.82 -13.04 2.64
CA PHE A 36 -6.68 -14.39 3.14
C PHE A 36 -5.51 -14.34 4.12
N ASP A 37 -5.65 -14.98 5.27
CA ASP A 37 -4.59 -15.05 6.27
C ASP A 37 -4.54 -16.45 6.85
N SER A 38 -3.43 -17.16 6.67
CA SER A 38 -3.31 -18.51 7.20
C SER A 38 -3.35 -18.53 8.72
N ASP A 39 -3.13 -17.41 9.41
CA ASP A 39 -3.22 -17.39 10.87
C ASP A 39 -4.64 -17.14 11.38
N ALA A 40 -5.62 -16.87 10.52
CA ALA A 40 -6.99 -16.67 10.99
C ALA A 40 -7.49 -17.97 11.63
N ALA A 41 -8.45 -17.83 12.55
CA ALA A 41 -9.00 -19.02 13.22
C ALA A 41 -9.52 -20.03 12.20
N SER A 42 -10.19 -19.56 11.16
CA SER A 42 -10.65 -20.40 10.06
C SER A 42 -10.23 -19.68 8.78
N PRO A 43 -9.08 -20.02 8.22
CA PRO A 43 -8.60 -19.27 7.04
C PRO A 43 -9.56 -19.43 5.88
N ARG A 44 -9.97 -18.31 5.32
CA ARG A 44 -10.87 -18.28 4.19
C ARG A 44 -10.57 -17.01 3.40
N THR A 45 -10.76 -17.07 2.09
CA THR A 45 -10.73 -15.81 1.34
C THR A 45 -11.99 -15.05 1.72
N GLU A 46 -11.83 -13.81 2.12
CA GLU A 46 -12.93 -13.01 2.67
C GLU A 46 -13.11 -11.72 1.90
N PRO A 47 -14.35 -11.23 1.77
CA PRO A 47 -14.59 -9.96 1.05
C PRO A 47 -14.10 -8.78 1.87
N ARG A 48 -13.62 -7.76 1.15
CA ARG A 48 -13.19 -6.52 1.78
C ARG A 48 -13.73 -5.29 1.07
N ALA A 49 -14.63 -5.47 0.09
CA ALA A 49 -15.30 -4.38 -0.60
C ALA A 49 -16.75 -4.80 -0.82
N PRO A 50 -17.67 -3.85 -0.89
CA PRO A 50 -19.10 -4.23 -0.97
C PRO A 50 -19.47 -4.99 -2.24
N TRP A 51 -18.84 -4.66 -3.36
CA TRP A 51 -19.26 -5.16 -4.68
C TRP A 51 -18.76 -6.56 -4.96
N ILE A 52 -17.88 -7.12 -4.11
CA ILE A 52 -17.48 -8.51 -4.27
C ILE A 52 -18.41 -9.45 -3.49
N GLU A 53 -19.19 -8.91 -2.54
CA GLU A 53 -19.99 -9.76 -1.66
C GLU A 53 -21.01 -10.58 -2.42
N GLN A 54 -21.45 -10.08 -3.58
CA GLN A 54 -22.45 -10.79 -4.37
C GLN A 54 -21.93 -12.07 -4.99
N GLU A 55 -20.60 -12.26 -5.06
CA GLU A 55 -20.10 -13.50 -5.62
C GLU A 55 -20.61 -14.66 -4.78
N GLY A 56 -20.92 -15.77 -5.43
CA GLY A 56 -21.56 -16.88 -4.77
C GLY A 56 -20.58 -17.80 -4.07
N PRO A 57 -21.12 -18.83 -3.40
CA PRO A 57 -20.26 -19.74 -2.63
C PRO A 57 -19.20 -20.44 -3.46
N GLU A 58 -19.46 -20.73 -4.74
CA GLU A 58 -18.42 -21.35 -5.56
C GLU A 58 -17.21 -20.45 -5.70
N TYR A 59 -17.43 -19.14 -5.82
CA TYR A 59 -16.32 -18.20 -5.88
C TYR A 59 -15.51 -18.27 -4.59
N TRP A 60 -16.17 -18.15 -3.44
CA TRP A 60 -15.45 -18.08 -2.17
C TRP A 60 -14.76 -19.39 -1.86
N ASP A 61 -15.42 -20.50 -2.13
CA ASP A 61 -14.80 -21.80 -1.90
C ASP A 61 -13.61 -22.00 -2.82
N GLY A 62 -13.74 -21.60 -4.09
CA GLY A 62 -12.64 -21.81 -5.03
C GLY A 62 -11.46 -20.91 -4.71
N GLU A 63 -11.72 -19.65 -4.34
CA GLU A 63 -10.62 -18.75 -3.97
C GLU A 63 -9.94 -19.24 -2.70
N THR A 64 -10.71 -19.77 -1.73
CA THR A 64 -10.11 -20.30 -0.50
C THR A 64 -9.23 -21.50 -0.81
N ARG A 65 -9.74 -22.44 -1.62
CA ARG A 65 -8.93 -23.60 -1.97
C ARG A 65 -7.63 -23.18 -2.64
N ASN A 66 -7.72 -22.20 -3.57
CA ASN A 66 -6.53 -21.74 -4.26
C ASN A 66 -5.55 -21.08 -3.29
N MET A 67 -6.03 -20.26 -2.34
CA MET A 67 -5.13 -19.60 -1.41
C MET A 67 -4.49 -20.59 -0.44
N LYS A 68 -5.25 -21.61 -0.01
CA LYS A 68 -4.63 -22.64 0.81
C LYS A 68 -3.53 -23.37 0.03
N ALA A 69 -3.80 -23.70 -1.24
CA ALA A 69 -2.78 -24.35 -2.06
C ALA A 69 -1.55 -23.44 -2.21
N SER A 70 -1.79 -22.14 -2.39
CA SER A 70 -0.70 -21.17 -2.53
C SER A 70 0.11 -21.11 -1.25
N ALA A 71 -0.55 -21.15 -0.08
CA ALA A 71 0.22 -21.12 1.16
C ALA A 71 1.17 -22.33 1.20
N GLN A 72 0.67 -23.52 0.82
CA GLN A 72 1.56 -24.69 0.77
C GLN A 72 2.73 -24.50 -0.19
N THR A 73 2.45 -23.97 -1.39
CA THR A 73 3.53 -23.73 -2.36
C THR A 73 4.57 -22.78 -1.78
N TYR A 74 4.13 -21.67 -1.15
CA TYR A 74 5.09 -20.68 -0.67
C TYR A 74 5.85 -21.16 0.57
N ARG A 75 5.26 -22.06 1.40
CA ARG A 75 6.04 -22.71 2.45
C ARG A 75 7.17 -23.54 1.82
N GLU A 76 6.84 -24.27 0.75
CA GLU A 76 7.89 -25.03 0.06
C GLU A 76 8.94 -24.08 -0.51
N ASN A 77 8.51 -22.95 -1.09
CA ASN A 77 9.46 -22.01 -1.70
C ASN A 77 10.38 -21.43 -0.66
N LEU A 78 9.89 -21.18 0.56
CA LEU A 78 10.80 -20.71 1.62
C LEU A 78 11.86 -21.76 1.96
N ARG A 79 11.46 -23.04 1.99
CA ARG A 79 12.46 -24.11 2.23
C ARG A 79 13.50 -24.17 1.10
N ILE A 80 13.01 -24.05 -0.15
CA ILE A 80 13.90 -24.10 -1.30
C ILE A 80 14.87 -22.92 -1.25
N ALA A 81 14.38 -21.71 -0.93
CA ALA A 81 15.24 -20.53 -0.91
C ALA A 81 16.39 -20.71 0.08
N LEU A 82 16.14 -21.38 1.22
CA LEU A 82 17.24 -21.64 2.17
C LEU A 82 18.32 -22.45 1.48
N ARG A 83 17.93 -23.45 0.71
CA ARG A 83 18.95 -24.23 0.00
C ARG A 83 19.70 -23.35 -0.99
N TYR A 84 18.97 -22.54 -1.77
CA TYR A 84 19.57 -21.76 -2.84
C TYR A 84 20.54 -20.71 -2.32
N TYR A 85 20.39 -20.26 -1.08
CA TYR A 85 21.21 -19.21 -0.50
C TYR A 85 22.13 -19.74 0.59
N ASN A 86 22.18 -21.06 0.80
CA ASN A 86 23.05 -21.68 1.81
C ASN A 86 22.74 -21.11 3.20
N GLN A 87 21.46 -20.96 3.53
CA GLN A 87 21.05 -20.33 4.79
C GLN A 87 20.61 -21.37 5.81
N SER A 88 20.76 -21.02 7.08
CA SER A 88 20.35 -21.92 8.14
C SER A 88 18.85 -21.96 8.30
N GLU A 89 18.38 -23.04 8.90
CA GLU A 89 16.96 -23.21 9.16
C GLU A 89 16.49 -22.40 10.35
N ALA A 90 17.39 -21.63 10.98
CA ALA A 90 17.03 -20.88 12.19
C ALA A 90 16.48 -19.48 11.90
N GLY A 91 16.74 -18.90 10.75
CA GLY A 91 16.37 -17.52 10.52
C GLY A 91 14.97 -17.34 9.95
N SER A 92 14.42 -16.14 10.13
CA SER A 92 13.12 -15.77 9.55
CA SER A 92 13.13 -15.80 9.54
C SER A 92 13.34 -15.09 8.21
N HIS A 93 12.60 -15.53 7.20
CA HIS A 93 12.73 -15.01 5.84
C HIS A 93 11.36 -14.75 5.28
N ILE A 94 11.34 -13.96 4.21
CA ILE A 94 10.07 -13.53 3.60
C ILE A 94 10.13 -13.67 2.09
N ILE A 95 9.13 -14.33 1.50
CA ILE A 95 8.91 -14.26 0.05
C ILE A 95 7.72 -13.36 -0.19
N GLN A 96 7.84 -12.47 -1.16
CA GLN A 96 6.71 -11.65 -1.61
C GLN A 96 6.48 -11.85 -3.08
N ARG A 97 5.23 -11.73 -3.52
CA ARG A 97 4.90 -11.81 -4.95
C ARG A 97 3.78 -10.83 -5.22
N MET A 98 3.85 -10.15 -6.36
CA MET A 98 2.77 -9.30 -6.84
C MET A 98 2.53 -9.63 -8.30
N TYR A 99 1.27 -9.71 -8.68
CA TYR A 99 0.95 -10.00 -10.07
C TYR A 99 -0.39 -9.41 -10.42
N GLY A 100 -0.62 -9.26 -11.71
CA GLY A 100 -1.93 -8.86 -12.18
C GLY A 100 -1.84 -8.17 -13.54
N CYS A 101 -2.93 -7.47 -13.89
CA CYS A 101 -3.11 -6.96 -15.23
C CYS A 101 -3.51 -5.49 -15.17
N ASP A 102 -3.08 -4.77 -16.19
CA ASP A 102 -3.41 -3.36 -16.38
C ASP A 102 -4.18 -3.21 -17.65
N LEU A 103 -5.27 -2.45 -17.59
CA LEU A 103 -6.10 -2.08 -18.74
C LEU A 103 -5.99 -0.58 -19.01
N GLY A 104 -5.99 -0.22 -20.29
CA GLY A 104 -6.06 1.18 -20.69
C GLY A 104 -7.47 1.68 -20.59
N PRO A 105 -7.66 2.96 -20.94
CA PRO A 105 -9.00 3.58 -20.84
C PRO A 105 -10.06 2.91 -21.70
N ASP A 106 -9.67 2.23 -22.77
CA ASP A 106 -10.57 1.51 -23.66
C ASP A 106 -10.90 0.09 -23.19
N GLY A 107 -10.43 -0.32 -22.02
CA GLY A 107 -10.67 -1.66 -21.53
C GLY A 107 -9.70 -2.70 -22.07
N ARG A 108 -8.77 -2.31 -22.94
CA ARG A 108 -7.83 -3.27 -23.51
C ARG A 108 -6.64 -3.49 -22.59
N LEU A 109 -6.09 -4.71 -22.66
CA LEU A 109 -4.87 -5.02 -21.91
C LEU A 109 -3.73 -4.11 -22.31
N LEU A 110 -3.18 -3.42 -21.33
CA LEU A 110 -1.97 -2.65 -21.53
C LEU A 110 -0.78 -3.56 -21.27
N ARG A 111 -0.75 -4.25 -20.13
CA ARG A 111 0.36 -5.16 -19.82
C ARG A 111 0.01 -5.99 -18.60
N GLY A 112 0.75 -7.09 -18.45
CA GLY A 112 0.67 -7.96 -17.28
C GLY A 112 1.94 -7.86 -16.47
N HIS A 113 1.86 -8.37 -15.24
CA HIS A 113 2.95 -8.34 -14.27
C HIS A 113 2.92 -9.62 -13.47
N ASP A 114 4.11 -10.13 -13.13
CA ASP A 114 4.20 -11.21 -12.13
C ASP A 114 5.64 -11.23 -11.65
N GLN A 115 5.88 -10.72 -10.44
CA GLN A 115 7.23 -10.48 -9.92
CA GLN A 115 7.24 -10.59 -9.96
C GLN A 115 7.30 -10.99 -8.49
N SER A 116 8.47 -11.49 -8.09
CA SER A 116 8.68 -12.00 -6.75
C SER A 116 9.97 -11.47 -6.18
N ALA A 117 10.01 -11.50 -4.84
CA ALA A 117 11.14 -11.03 -4.05
C ALA A 117 11.45 -12.03 -2.94
N TYR A 118 12.70 -12.03 -2.50
CA TYR A 118 13.16 -12.80 -1.34
C TYR A 118 13.84 -11.83 -0.39
N ASP A 119 13.39 -11.80 0.87
CA ASP A 119 13.92 -10.86 1.87
C ASP A 119 13.98 -9.43 1.37
N GLY A 120 12.91 -9.02 0.68
CA GLY A 120 12.73 -7.65 0.24
C GLY A 120 13.55 -7.21 -0.95
N LYS A 121 14.24 -8.14 -1.62
CA LYS A 121 15.04 -7.85 -2.82
C LYS A 121 14.44 -8.60 -3.99
N ASP A 122 14.47 -7.98 -5.16
CA ASP A 122 14.00 -8.66 -6.36
C ASP A 122 14.62 -10.04 -6.46
N TYR A 123 13.79 -11.00 -6.84
CA TYR A 123 14.22 -12.39 -7.05
C TYR A 123 14.01 -12.76 -8.52
N ILE A 124 12.78 -12.76 -9.00
CA ILE A 124 12.56 -13.08 -10.41
C ILE A 124 11.33 -12.30 -10.88
N ALA A 125 11.32 -11.97 -12.16
CA ALA A 125 10.20 -11.24 -12.76
C ALA A 125 9.89 -11.83 -14.12
N LEU A 126 8.60 -11.96 -14.40
CA LEU A 126 8.15 -12.22 -15.76
C LEU A 126 8.32 -10.95 -16.57
N ASN A 127 8.98 -11.07 -17.71
CA ASN A 127 9.16 -9.89 -18.58
C ASN A 127 7.83 -9.45 -19.20
N GLU A 128 7.84 -8.24 -19.77
CA GLU A 128 6.62 -7.68 -20.34
C GLU A 128 6.08 -8.48 -21.51
N ASP A 129 6.95 -9.25 -22.16
CA ASP A 129 6.52 -10.17 -23.22
C ASP A 129 5.68 -11.34 -22.70
N LEU A 130 5.56 -11.50 -21.37
CA LEU A 130 4.84 -12.63 -20.78
C LEU A 130 5.38 -13.97 -21.27
N SER A 131 6.67 -14.00 -21.62
CA SER A 131 7.30 -15.15 -22.24
C SER A 131 8.67 -15.47 -21.71
N SER A 132 9.42 -14.50 -21.23
CA SER A 132 10.78 -14.71 -20.79
C SER A 132 10.93 -14.12 -19.40
N TRP A 133 12.07 -14.40 -18.78
CA TRP A 133 12.28 -14.14 -17.35
C TRP A 133 13.47 -13.22 -17.14
N THR A 134 13.41 -12.43 -16.07
CA THR A 134 14.59 -11.73 -15.53
C THR A 134 14.85 -12.24 -14.13
N ALA A 135 15.96 -12.95 -13.96
CA ALA A 135 16.40 -13.48 -12.67
C ALA A 135 17.40 -12.51 -12.06
N ALA A 136 17.25 -12.22 -10.77
CA ALA A 136 18.11 -11.22 -10.15
C ALA A 136 19.50 -11.75 -9.77
N ASP A 137 19.67 -13.05 -9.64
CA ASP A 137 20.92 -13.61 -9.11
C ASP A 137 21.01 -15.06 -9.53
N THR A 138 22.10 -15.73 -9.11
CA THR A 138 22.31 -17.11 -9.57
C THR A 138 21.33 -18.11 -8.93
N ALA A 139 20.73 -17.75 -7.77
CA ALA A 139 19.68 -18.60 -7.20
C ALA A 139 18.43 -18.55 -8.06
N ALA A 140 18.01 -17.32 -8.40
CA ALA A 140 16.81 -17.14 -9.20
C ALA A 140 17.02 -17.72 -10.59
N GLN A 141 18.26 -17.83 -11.08
CA GLN A 141 18.50 -18.49 -12.36
C GLN A 141 18.19 -19.97 -12.29
N ILE A 142 18.35 -20.58 -11.11
CA ILE A 142 17.90 -21.98 -10.95
C ILE A 142 16.38 -22.06 -11.13
N THR A 143 15.66 -21.17 -10.45
CA THR A 143 14.21 -21.12 -10.65
C THR A 143 13.85 -20.88 -12.10
N GLN A 144 14.54 -19.93 -12.75
CA GLN A 144 14.28 -19.64 -14.15
C GLN A 144 14.41 -20.89 -15.01
N ARG A 145 15.48 -21.67 -14.79
CA ARG A 145 15.69 -22.87 -15.60
C ARG A 145 14.56 -23.87 -15.37
N LYS A 146 14.14 -24.01 -14.10
CA LYS A 146 13.01 -24.92 -13.82
C LYS A 146 11.75 -24.45 -14.53
N TRP A 147 11.49 -23.15 -14.47
CA TRP A 147 10.26 -22.64 -15.07
C TRP A 147 10.30 -22.66 -16.59
N GLU A 148 11.48 -22.50 -17.19
CA GLU A 148 11.60 -22.63 -18.63
C GLU A 148 11.35 -24.07 -19.05
N ALA A 149 11.88 -25.03 -18.30
CA ALA A 149 11.71 -26.42 -18.66
C ALA A 149 10.24 -26.82 -18.56
N ALA A 150 9.51 -26.20 -17.62
CA ALA A 150 8.10 -26.50 -17.39
C ALA A 150 7.14 -25.56 -18.08
N ARG A 151 7.65 -24.63 -18.89
CA ARG A 151 6.80 -23.69 -19.62
C ARG A 151 5.80 -22.96 -18.71
N VAL A 152 6.30 -22.51 -17.54
CA VAL A 152 5.47 -21.74 -16.60
C VAL A 152 5.06 -20.39 -17.19
N ALA A 153 5.94 -19.72 -17.94
CA ALA A 153 5.59 -18.42 -18.49
C ALA A 153 4.32 -18.49 -19.32
N GLU A 154 4.18 -19.55 -20.12
CA GLU A 154 2.99 -19.70 -20.97
C GLU A 154 1.72 -19.80 -20.14
N GLN A 155 1.80 -20.49 -18.99
CA GLN A 155 0.63 -20.61 -18.11
C GLN A 155 0.30 -19.27 -17.46
N LEU A 156 1.32 -18.53 -17.01
CA LEU A 156 1.06 -17.21 -16.44
C LEU A 156 0.48 -16.28 -17.48
N ARG A 157 1.03 -16.33 -18.70
CA ARG A 157 0.49 -15.49 -19.78
C ARG A 157 -0.98 -15.78 -19.99
N ALA A 158 -1.36 -17.07 -20.03
CA ALA A 158 -2.76 -17.40 -20.26
C ALA A 158 -3.66 -16.82 -19.19
N TYR A 159 -3.22 -16.85 -17.92
CA TYR A 159 -3.99 -16.22 -16.86
C TYR A 159 -4.04 -14.71 -17.06
N LEU A 160 -2.90 -14.09 -17.25
CA LEU A 160 -2.84 -12.63 -17.24
C LEU A 160 -3.65 -12.02 -18.38
N GLU A 161 -3.62 -12.65 -19.56
CA GLU A 161 -4.37 -12.14 -20.71
C GLU A 161 -5.82 -12.61 -20.72
N GLY A 162 -6.14 -13.64 -19.94
CA GLY A 162 -7.45 -14.28 -20.01
C GLY A 162 -8.26 -13.96 -18.77
N LEU A 163 -8.22 -14.87 -17.78
CA LEU A 163 -9.05 -14.71 -16.60
C LEU A 163 -8.77 -13.42 -15.85
N CYS A 164 -7.51 -12.97 -15.78
CA CYS A 164 -7.24 -11.73 -15.05
C CYS A 164 -8.03 -10.58 -15.63
N VAL A 165 -7.96 -10.41 -16.95
CA VAL A 165 -8.65 -9.33 -17.63
C VAL A 165 -10.16 -9.52 -17.53
N GLU A 166 -10.64 -10.75 -17.71
CA GLU A 166 -12.10 -10.98 -17.70
C GLU A 166 -12.68 -10.68 -16.33
N TRP A 167 -12.00 -11.13 -15.27
CA TRP A 167 -12.53 -10.89 -13.93
C TRP A 167 -12.36 -9.43 -13.54
N LEU A 168 -11.26 -8.77 -13.91
CA LEU A 168 -11.17 -7.35 -13.65
C LEU A 168 -12.32 -6.59 -14.31
N ARG A 169 -12.63 -6.89 -15.57
CA ARG A 169 -13.74 -6.22 -16.24
C ARG A 169 -15.06 -6.48 -15.50
N ARG A 170 -15.27 -7.73 -15.04
CA ARG A 170 -16.47 -8.03 -14.26
C ARG A 170 -16.54 -7.16 -13.01
N TYR A 171 -15.43 -7.10 -12.27
CA TYR A 171 -15.41 -6.29 -11.04
C TYR A 171 -15.67 -4.82 -11.32
N LEU A 172 -15.07 -4.30 -12.39
CA LEU A 172 -15.25 -2.89 -12.74
C LEU A 172 -16.70 -2.58 -13.05
N GLU A 173 -17.41 -3.52 -13.67
CA GLU A 173 -18.84 -3.32 -13.94
C GLU A 173 -19.65 -3.44 -12.64
N ASN A 174 -19.40 -4.48 -11.85
CA ASN A 174 -20.17 -4.67 -10.61
C ASN A 174 -19.87 -3.59 -9.57
N GLY A 175 -18.66 -3.06 -9.53
CA GLY A 175 -18.31 -2.01 -8.59
C GLY A 175 -18.27 -0.64 -9.23
N LYS A 176 -18.98 -0.45 -10.35
CA LYS A 176 -18.77 0.77 -11.14
C LYS A 176 -19.04 2.04 -10.34
N GLU A 177 -20.01 2.04 -9.41
CA GLU A 177 -20.31 3.29 -8.71
C GLU A 177 -19.15 3.81 -7.91
N THR A 178 -18.21 2.95 -7.51
CA THR A 178 -17.03 3.37 -6.75
C THR A 178 -15.75 3.22 -7.57
N LEU A 179 -15.55 2.05 -8.20
CA LEU A 179 -14.31 1.82 -8.91
C LEU A 179 -14.16 2.75 -10.11
N GLN A 180 -15.27 3.18 -10.72
CA GLN A 180 -15.24 4.05 -11.88
C GLN A 180 -15.64 5.48 -11.50
N ARG A 181 -15.50 5.85 -10.22
CA ARG A 181 -15.75 7.22 -9.77
C ARG A 181 -14.47 7.78 -9.20
N ALA A 182 -14.00 8.87 -9.76
CA ALA A 182 -12.89 9.60 -9.19
C ALA A 182 -13.46 10.68 -8.28
N ASP A 183 -12.90 10.79 -7.08
CA ASP A 183 -13.28 11.84 -6.14
C ASP A 183 -12.16 12.85 -6.14
N PRO A 184 -12.40 14.07 -6.57
CA PRO A 184 -11.29 15.03 -6.68
C PRO A 184 -10.83 15.47 -5.30
N PRO A 185 -9.59 15.94 -5.19
CA PRO A 185 -9.12 16.42 -3.88
C PRO A 185 -9.82 17.71 -3.49
N LYS A 186 -10.06 17.85 -2.20
CA LYS A 186 -10.43 19.11 -1.57
C LYS A 186 -9.12 19.74 -1.15
N THR A 187 -8.88 20.97 -1.57
CA THR A 187 -7.56 21.56 -1.44
C THR A 187 -7.60 22.88 -0.70
N HIS A 188 -6.51 23.16 0.00
CA HIS A 188 -6.35 24.46 0.64
C HIS A 188 -4.90 24.62 1.02
N VAL A 189 -4.47 25.86 1.25
CA VAL A 189 -3.12 26.18 1.70
C VAL A 189 -3.20 26.76 3.12
N THR A 190 -2.35 26.24 4.01
CA THR A 190 -2.20 26.83 5.34
C THR A 190 -0.84 27.52 5.44
N HIS A 191 -0.75 28.39 6.43
CA HIS A 191 0.41 29.24 6.63
C HIS A 191 0.78 29.19 8.11
N HIS A 192 2.04 28.92 8.42
CA HIS A 192 2.47 28.90 9.83
C HIS A 192 3.83 29.56 9.92
N PRO A 193 3.99 30.71 10.55
CA PRO A 193 5.34 31.26 10.74
C PRO A 193 6.25 30.27 11.46
N VAL A 194 7.49 30.22 11.01
CA VAL A 194 8.55 29.51 11.71
C VAL A 194 9.43 30.45 12.51
N SER A 195 9.47 31.72 12.15
CA SER A 195 10.29 32.76 12.77
C SER A 195 9.76 34.06 12.22
N ASP A 196 10.37 35.16 12.61
CA ASP A 196 9.96 36.44 12.09
C ASP A 196 10.26 36.59 10.60
N HIS A 197 11.12 35.79 10.04
CA HIS A 197 11.38 36.03 8.63
C HIS A 197 11.16 34.83 7.73
N GLU A 198 10.59 33.75 8.23
CA GLU A 198 10.18 32.64 7.37
C GLU A 198 8.87 32.07 7.85
N ALA A 199 8.17 31.45 6.92
CA ALA A 199 6.88 30.81 7.20
C ALA A 199 6.74 29.53 6.39
N THR A 200 6.03 28.54 6.91
CA THR A 200 5.73 27.35 6.12
C THR A 200 4.41 27.55 5.40
N LEU A 201 4.40 27.29 4.09
CA LEU A 201 3.16 27.12 3.34
C LEU A 201 2.96 25.64 3.11
N ARG A 202 1.78 25.15 3.48
CA ARG A 202 1.46 23.74 3.32
C ARG A 202 0.24 23.62 2.42
N CYS A 203 0.39 22.92 1.31
CA CYS A 203 -0.70 22.70 0.36
C CYS A 203 -1.27 21.32 0.64
N TRP A 204 -2.56 21.28 0.92
CA TRP A 204 -3.27 20.08 1.32
C TRP A 204 -4.18 19.58 0.22
N ALA A 205 -4.23 18.26 0.09
CA ALA A 205 -5.20 17.58 -0.76
C ALA A 205 -5.84 16.49 0.10
N LEU A 206 -7.17 16.52 0.23
CA LEU A 206 -7.90 15.61 1.11
C LEU A 206 -9.04 14.97 0.34
N GLY A 207 -9.42 13.76 0.74
CA GLY A 207 -10.66 13.18 0.27
C GLY A 207 -10.64 12.68 -1.15
N PHE A 208 -9.47 12.40 -1.71
CA PHE A 208 -9.40 12.05 -3.12
C PHE A 208 -9.27 10.55 -3.38
N TYR A 209 -9.72 10.12 -4.56
CA TYR A 209 -9.61 8.74 -4.97
C TYR A 209 -9.58 8.80 -6.50
N PRO A 210 -8.67 8.09 -7.19
CA PRO A 210 -7.68 7.16 -6.65
C PRO A 210 -6.50 7.90 -6.02
N ALA A 211 -5.50 7.11 -5.57
CA ALA A 211 -4.41 7.69 -4.78
C ALA A 211 -3.46 8.55 -5.62
N GLU A 212 -3.29 8.26 -6.91
CA GLU A 212 -2.33 8.99 -7.74
C GLU A 212 -2.68 10.47 -7.74
N ILE A 213 -1.69 11.31 -7.46
CA ILE A 213 -1.89 12.76 -7.41
C ILE A 213 -0.54 13.40 -7.59
N THR A 214 -0.52 14.62 -8.13
CA THR A 214 0.71 15.42 -8.14
C THR A 214 0.42 16.74 -7.44
N LEU A 215 1.25 17.04 -6.44
CA LEU A 215 1.20 18.30 -5.71
C LEU A 215 2.57 18.91 -5.83
N THR A 216 2.61 20.13 -6.34
CA THR A 216 3.91 20.79 -6.48
C THR A 216 3.81 22.25 -6.08
N TRP A 217 4.88 22.77 -5.54
CA TRP A 217 5.02 24.20 -5.27
C TRP A 217 5.91 24.84 -6.34
N GLN A 218 5.49 26.00 -6.81
CA GLN A 218 6.33 26.84 -7.66
C GLN A 218 6.60 28.15 -6.95
N ARG A 219 7.81 28.68 -7.15
CA ARG A 219 8.19 30.02 -6.70
C ARG A 219 8.47 30.80 -7.97
N ASP A 220 7.73 31.87 -8.18
CA ASP A 220 7.87 32.64 -9.42
C ASP A 220 7.71 31.74 -10.65
N GLY A 221 6.83 30.75 -10.55
CA GLY A 221 6.55 29.89 -11.67
C GLY A 221 7.56 28.79 -11.93
N GLU A 222 8.54 28.60 -11.04
CA GLU A 222 9.55 27.56 -11.18
C GLU A 222 9.32 26.50 -10.11
N ASP A 223 9.26 25.24 -10.51
CA ASP A 223 9.07 24.16 -9.54
C ASP A 223 10.15 24.19 -8.46
N GLN A 224 9.74 23.92 -7.23
CA GLN A 224 10.65 23.93 -6.08
C GLN A 224 10.94 22.52 -5.63
N THR A 225 11.34 21.68 -6.58
CA THR A 225 11.41 20.25 -6.28
C THR A 225 12.32 19.99 -5.09
N GLN A 226 13.54 20.55 -5.13
CA GLN A 226 14.54 20.23 -4.14
C GLN A 226 14.27 20.92 -2.80
N ASP A 227 13.30 21.85 -2.73
CA ASP A 227 12.98 22.58 -1.51
C ASP A 227 11.60 22.23 -0.94
N THR A 228 10.92 21.26 -1.50
CA THR A 228 9.59 20.88 -1.05
C THR A 228 9.65 19.65 -0.16
N GLU A 229 8.95 19.70 0.97
CA GLU A 229 8.73 18.50 1.78
C GLU A 229 7.41 17.89 1.34
N LEU A 230 7.46 16.69 0.83
CA LEU A 230 6.29 16.05 0.25
C LEU A 230 6.05 14.76 1.02
N VAL A 231 4.93 14.67 1.80
CA VAL A 231 4.69 13.44 2.57
C VAL A 231 4.15 12.35 1.65
N GLU A 232 4.32 11.11 2.05
CA GLU A 232 3.73 10.00 1.33
C GLU A 232 2.22 10.10 1.38
N THR A 233 1.59 9.79 0.24
CA THR A 233 0.13 9.73 0.19
C THR A 233 -0.35 8.68 1.18
N ARG A 234 -1.39 9.03 1.95
CA ARG A 234 -1.79 8.21 3.08
C ARG A 234 -3.28 7.97 3.07
N PRO A 235 -3.74 6.79 3.50
CA PRO A 235 -5.19 6.48 3.47
C PRO A 235 -5.94 7.14 4.62
N ALA A 236 -7.12 7.67 4.32
CA ALA A 236 -7.97 8.24 5.35
C ALA A 236 -8.73 7.18 6.13
N GLY A 237 -9.01 6.04 5.52
CA GLY A 237 -9.79 4.95 6.11
C GLY A 237 -11.22 4.90 5.61
N ASP A 238 -11.61 5.84 4.74
CA ASP A 238 -12.94 5.90 4.12
C ASP A 238 -12.89 5.65 2.61
N ARG A 239 -11.80 5.04 2.14
CA ARG A 239 -11.41 4.76 0.75
C ARG A 239 -10.54 5.86 0.18
N THR A 240 -10.61 7.08 0.72
CA THR A 240 -9.92 8.21 0.11
C THR A 240 -8.52 8.35 0.68
N PHE A 241 -7.77 9.24 0.07
CA PHE A 241 -6.38 9.49 0.40
C PHE A 241 -6.16 10.95 0.73
N GLN A 242 -5.01 11.22 1.31
CA GLN A 242 -4.58 12.54 1.74
C GLN A 242 -3.13 12.72 1.38
N LYS A 243 -2.74 13.97 1.12
CA LYS A 243 -1.34 14.29 0.88
C LYS A 243 -1.14 15.76 1.17
N TRP A 244 0.08 16.12 1.53
CA TRP A 244 0.43 17.53 1.59
C TRP A 244 1.84 17.74 1.08
N ALA A 245 2.11 18.98 0.69
CA ALA A 245 3.42 19.43 0.25
C ALA A 245 3.70 20.75 0.93
N ALA A 246 4.91 20.92 1.46
CA ALA A 246 5.21 22.15 2.21
C ALA A 246 6.52 22.76 1.75
N VAL A 247 6.56 24.08 1.80
CA VAL A 247 7.78 24.85 1.53
C VAL A 247 7.94 25.87 2.65
N VAL A 248 9.18 26.16 3.00
CA VAL A 248 9.51 27.23 3.92
C VAL A 248 9.95 28.45 3.12
N VAL A 249 9.26 29.57 3.31
CA VAL A 249 9.40 30.70 2.40
C VAL A 249 9.78 31.94 3.18
N PRO A 250 10.44 32.92 2.56
CA PRO A 250 10.75 34.17 3.28
C PRO A 250 9.46 34.93 3.56
N SER A 251 9.33 35.43 4.79
CA SER A 251 8.18 36.27 5.13
C SER A 251 8.07 37.44 4.18
N GLY A 252 6.88 37.71 3.70
CA GLY A 252 6.69 38.78 2.75
C GLY A 252 6.72 38.29 1.32
N GLU A 253 7.13 37.04 1.07
CA GLU A 253 7.22 36.50 -0.27
C GLU A 253 6.17 35.43 -0.54
N GLU A 254 5.20 35.26 0.36
CA GLU A 254 4.21 34.19 0.22
C GLU A 254 3.49 34.27 -1.11
N GLN A 255 3.19 35.47 -1.61
CA GLN A 255 2.40 35.55 -2.85
C GLN A 255 3.18 35.13 -4.07
N ARG A 256 4.49 34.91 -3.96
CA ARG A 256 5.29 34.41 -5.08
C ARG A 256 5.18 32.90 -5.22
N TYR A 257 4.48 32.24 -4.31
CA TYR A 257 4.36 30.78 -4.30
C TYR A 257 2.97 30.34 -4.73
N THR A 258 2.94 29.34 -5.61
CA THR A 258 1.69 28.74 -6.05
C THR A 258 1.79 27.23 -5.89
N CYS A 259 0.70 26.61 -5.47
CA CYS A 259 0.61 25.16 -5.38
C CYS A 259 -0.22 24.65 -6.56
N HIS A 260 0.24 23.59 -7.17
CA HIS A 260 -0.38 23.04 -8.38
C HIS A 260 -0.80 21.62 -8.09
N VAL A 261 -2.04 21.31 -8.44
CA VAL A 261 -2.62 20.02 -8.10
C VAL A 261 -3.12 19.37 -9.38
N GLN A 262 -2.71 18.14 -9.63
CA GLN A 262 -3.20 17.33 -10.74
C GLN A 262 -3.80 16.06 -10.17
N HIS A 263 -5.00 15.72 -10.64
CA HIS A 263 -5.67 14.51 -10.17
C HIS A 263 -6.70 14.15 -11.22
N GLU A 264 -6.91 12.85 -11.40
CA GLU A 264 -7.86 12.41 -12.42
C GLU A 264 -9.27 12.96 -12.21
N GLY A 265 -9.66 13.25 -10.97
CA GLY A 265 -10.99 13.81 -10.70
C GLY A 265 -11.16 15.28 -11.03
N LEU A 266 -10.08 15.96 -11.37
CA LEU A 266 -10.09 17.37 -11.71
C LEU A 266 -10.21 17.52 -13.23
N PRO A 267 -11.12 18.35 -13.73
CA PRO A 267 -11.15 18.59 -15.18
C PRO A 267 -9.92 19.30 -15.70
N LYS A 268 -9.27 20.10 -14.89
CA LYS A 268 -8.07 20.85 -15.25
C LYS A 268 -7.23 20.95 -14.01
N PRO A 269 -5.91 20.99 -14.14
CA PRO A 269 -5.07 21.16 -12.94
C PRO A 269 -5.45 22.44 -12.21
N LEU A 270 -5.33 22.41 -10.88
CA LEU A 270 -5.66 23.55 -10.04
C LEU A 270 -4.39 24.29 -9.67
N THR A 271 -4.52 25.60 -9.53
CA THR A 271 -3.47 26.44 -8.95
C THR A 271 -4.09 27.12 -7.74
N LEU A 272 -3.41 27.05 -6.59
CA LEU A 272 -3.84 27.66 -5.35
C LEU A 272 -2.73 28.48 -4.75
N ARG A 273 -3.11 29.43 -3.92
CA ARG A 273 -2.14 30.21 -3.18
C ARG A 273 -2.68 30.39 -1.78
N TRP A 274 -1.81 30.86 -0.91
CA TRP A 274 -2.25 31.22 0.42
C TRP A 274 -3.18 32.42 0.33
N GLU A 275 -4.35 32.28 0.96
CA GLU A 275 -5.36 33.33 1.01
C GLU A 275 -5.46 33.82 2.45
N PRO A 276 -4.72 34.84 2.85
CA PRO A 276 -4.87 35.39 4.20
C PRO A 276 -6.28 35.95 4.39
N SER A 277 -6.78 35.83 5.63
CA SER A 277 -8.06 36.42 6.03
C SER A 277 -9.19 36.17 5.02
N ILE B 1 19.73 -5.10 4.95
CA ILE B 1 18.57 -5.90 4.56
C ILE B 1 17.29 -5.48 5.29
N GLN B 2 17.36 -4.45 6.14
CA GLN B 2 16.18 -4.03 6.90
C GLN B 2 15.89 -2.57 6.67
N ARG B 3 14.62 -2.22 6.74
CA ARG B 3 14.14 -0.87 6.46
C ARG B 3 13.25 -0.41 7.59
N THR B 4 13.51 0.79 8.10
CA THR B 4 12.79 1.24 9.28
C THR B 4 11.47 1.92 8.89
N PRO B 5 10.43 1.85 9.72
CA PRO B 5 9.15 2.46 9.31
C PRO B 5 9.14 3.96 9.28
N LYS B 6 8.47 4.48 8.27
CA LYS B 6 7.94 5.83 8.28
C LYS B 6 6.63 5.81 9.04
N ILE B 7 6.33 6.90 9.74
CA ILE B 7 5.15 6.98 10.59
C ILE B 7 4.46 8.29 10.35
N GLN B 8 3.17 8.26 10.08
CA GLN B 8 2.35 9.47 10.05
C GLN B 8 1.16 9.24 10.96
N VAL B 9 0.85 10.24 11.81
CA VAL B 9 -0.29 10.18 12.72
C VAL B 9 -1.22 11.33 12.39
N TYR B 10 -2.49 11.04 12.15
CA TYR B 10 -3.38 12.04 11.58
C TYR B 10 -4.82 11.61 11.79
N SER B 11 -5.77 12.44 11.41
CA SER B 11 -7.16 12.05 11.55
C SER B 11 -7.83 11.87 10.19
N ARG B 12 -8.92 11.11 10.18
CA ARG B 12 -9.65 10.85 8.94
C ARG B 12 -10.22 12.13 8.35
N HIS B 13 -10.78 12.99 9.20
CA HIS B 13 -11.26 14.29 8.81
C HIS B 13 -10.54 15.36 9.62
N PRO B 14 -10.54 16.62 9.15
CA PRO B 14 -9.96 17.70 9.95
C PRO B 14 -10.59 17.68 11.35
N ALA B 15 -9.74 17.81 12.36
CA ALA B 15 -10.21 17.70 13.74
C ALA B 15 -11.08 18.87 14.14
N GLU B 16 -12.19 18.57 14.81
CA GLU B 16 -13.08 19.55 15.42
C GLU B 16 -13.40 19.06 16.82
N ASN B 17 -13.08 19.86 17.82
CA ASN B 17 -13.26 19.41 19.18
C ASN B 17 -14.71 19.05 19.42
N GLY B 18 -14.90 17.89 20.04
CA GLY B 18 -16.22 17.40 20.35
C GLY B 18 -16.91 16.63 19.24
N LYS B 19 -16.26 16.43 18.09
CA LYS B 19 -16.87 15.76 16.96
C LYS B 19 -16.13 14.45 16.71
N SER B 20 -16.89 13.36 16.58
CA SER B 20 -16.30 12.05 16.40
C SER B 20 -15.51 12.00 15.09
N ASN B 21 -14.46 11.18 15.09
CA ASN B 21 -13.46 11.14 14.03
C ASN B 21 -12.73 9.81 14.18
N PHE B 22 -11.71 9.60 13.35
CA PHE B 22 -10.83 8.44 13.46
C PHE B 22 -9.41 8.94 13.55
N LEU B 23 -8.66 8.36 14.48
CA LEU B 23 -7.24 8.60 14.63
C LEU B 23 -6.53 7.48 13.90
N ASN B 24 -5.63 7.87 12.99
CA ASN B 24 -4.90 6.98 12.11
C ASN B 24 -3.41 7.05 12.43
N CYS B 25 -2.77 5.90 12.39
CA CYS B 25 -1.32 5.84 12.37
C CYS B 25 -0.94 4.96 11.19
N TYR B 26 -0.31 5.57 10.19
CA TYR B 26 0.07 4.89 8.96
C TYR B 26 1.56 4.62 9.05
N VAL B 27 1.92 3.35 9.01
CA VAL B 27 3.31 2.93 9.07
C VAL B 27 3.64 2.32 7.71
N SER B 28 4.76 2.74 7.13
CA SER B 28 5.05 2.32 5.76
C SER B 28 6.54 2.26 5.55
N GLY B 29 6.96 1.68 4.45
CA GLY B 29 8.37 1.68 4.11
C GLY B 29 9.23 0.72 4.88
N PHE B 30 8.65 -0.23 5.62
CA PHE B 30 9.43 -1.05 6.54
C PHE B 30 9.63 -2.45 5.97
N HIS B 31 10.67 -3.09 6.49
CA HIS B 31 10.95 -4.49 6.15
C HIS B 31 11.90 -5.01 7.23
N PRO B 32 11.68 -6.18 7.82
CA PRO B 32 10.62 -7.15 7.57
C PRO B 32 9.26 -6.69 8.12
N SER B 33 8.27 -7.58 8.05
CA SER B 33 6.88 -7.18 8.26
C SER B 33 6.46 -7.10 9.72
N ASP B 34 7.12 -7.79 10.62
CA ASP B 34 6.71 -7.74 12.01
C ASP B 34 6.87 -6.33 12.55
N ILE B 35 5.84 -5.85 13.22
CA ILE B 35 5.86 -4.48 13.72
C ILE B 35 4.84 -4.39 14.85
N GLU B 36 5.14 -3.56 15.83
CA GLU B 36 4.23 -3.37 16.95
C GLU B 36 3.79 -1.94 16.93
N VAL B 37 2.49 -1.71 16.90
CA VAL B 37 1.92 -0.37 16.82
C VAL B 37 0.84 -0.24 17.88
N ASP B 38 0.98 0.77 18.73
CA ASP B 38 -0.07 1.13 19.68
C ASP B 38 -0.49 2.56 19.39
N LEU B 39 -1.75 2.83 19.63
CA LEU B 39 -2.22 4.22 19.69
C LEU B 39 -2.38 4.57 21.14
N LEU B 40 -2.00 5.79 21.49
CA LEU B 40 -1.98 6.26 22.88
C LEU B 40 -2.89 7.46 23.00
N LYS B 41 -3.53 7.54 24.17
CA LYS B 41 -4.31 8.69 24.60
C LYS B 41 -3.74 9.12 25.94
N ASN B 42 -3.20 10.33 25.97
CA ASN B 42 -2.57 10.85 27.18
C ASN B 42 -1.58 9.84 27.77
N GLY B 43 -0.83 9.18 26.90
CA GLY B 43 0.22 8.29 27.30
C GLY B 43 -0.18 6.85 27.48
N GLU B 44 -1.47 6.52 27.46
CA GLU B 44 -1.95 5.19 27.78
C GLU B 44 -2.43 4.50 26.51
N ARG B 45 -2.23 3.19 26.45
CA ARG B 45 -2.59 2.44 25.26
C ARG B 45 -4.10 2.35 25.10
N ILE B 46 -4.59 2.66 23.90
CA ILE B 46 -6.00 2.51 23.56
C ILE B 46 -6.25 1.05 23.22
N GLU B 47 -7.31 0.47 23.81
CA GLU B 47 -7.57 -0.96 23.62
C GLU B 47 -8.22 -1.26 22.29
N LYS B 48 -9.12 -0.42 21.83
CA LYS B 48 -9.89 -0.72 20.63
C LYS B 48 -9.15 -0.10 19.46
N VAL B 49 -8.23 -0.87 18.87
CA VAL B 49 -7.49 -0.42 17.69
C VAL B 49 -7.52 -1.52 16.64
N GLU B 50 -7.91 -1.15 15.44
CA GLU B 50 -7.94 -2.09 14.34
C GLU B 50 -6.82 -1.75 13.36
N HIS B 51 -6.55 -2.66 12.44
CA HIS B 51 -5.54 -2.37 11.43
C HIS B 51 -5.92 -3.03 10.11
N SER B 52 -5.37 -2.48 9.05
CA SER B 52 -5.56 -2.99 7.70
C SER B 52 -4.80 -4.32 7.53
N ASP B 53 -5.13 -5.00 6.44
CA ASP B 53 -4.46 -6.24 6.08
C ASP B 53 -3.10 -5.95 5.45
N LEU B 54 -2.11 -6.72 5.81
CA LEU B 54 -0.73 -6.51 5.35
C LEU B 54 -0.62 -6.48 3.84
N SER B 55 0.00 -5.41 3.34
CA SER B 55 0.29 -5.29 1.92
C SER B 55 1.60 -4.57 1.78
N PHE B 56 2.03 -4.39 0.54
CA PHE B 56 3.33 -3.81 0.29
C PHE B 56 3.35 -3.01 -0.99
N SER B 57 4.33 -2.13 -1.05
CA SER B 57 4.54 -1.22 -2.16
C SER B 57 5.42 -1.90 -3.21
N LYS B 58 5.62 -1.22 -4.33
CA LYS B 58 6.36 -1.79 -5.45
C LYS B 58 7.83 -2.03 -5.12
N ASP B 59 8.37 -1.38 -4.09
CA ASP B 59 9.73 -1.65 -3.65
C ASP B 59 9.79 -2.71 -2.58
N TRP B 60 8.69 -3.45 -2.37
CA TRP B 60 8.59 -4.56 -1.43
C TRP B 60 8.44 -4.11 0.01
N SER B 61 8.49 -2.82 0.31
CA SER B 61 8.31 -2.42 1.71
C SER B 61 6.84 -2.49 2.10
N PHE B 62 6.59 -2.85 3.35
CA PHE B 62 5.24 -3.07 3.86
C PHE B 62 4.58 -1.76 4.29
N TYR B 63 3.25 -1.79 4.31
CA TYR B 63 2.50 -0.70 4.90
C TYR B 63 1.27 -1.25 5.61
N LEU B 64 0.89 -0.56 6.69
CA LEU B 64 -0.29 -0.86 7.51
C LEU B 64 -0.88 0.44 8.02
N LEU B 65 -2.21 0.47 8.09
CA LEU B 65 -2.95 1.54 8.75
C LEU B 65 -3.54 0.98 10.04
N TYR B 66 -3.22 1.64 11.17
CA TYR B 66 -3.86 1.36 12.46
C TYR B 66 -4.81 2.49 12.73
N TYR B 67 -5.98 2.19 13.29
CA TYR B 67 -6.97 3.23 13.46
C TYR B 67 -7.92 2.94 14.60
N THR B 68 -8.45 4.03 15.15
CA THR B 68 -9.44 3.89 16.22
C THR B 68 -10.37 5.08 16.15
N GLU B 69 -11.59 4.88 16.57
CA GLU B 69 -12.52 5.99 16.59
C GLU B 69 -12.24 6.84 17.84
N PHE B 70 -12.34 8.16 17.70
CA PHE B 70 -12.06 9.04 18.82
C PHE B 70 -12.80 10.36 18.66
N THR B 71 -12.98 11.05 19.78
CA THR B 71 -13.55 12.40 19.75
C THR B 71 -12.52 13.36 20.32
N PRO B 72 -11.82 14.11 19.49
CA PRO B 72 -10.76 14.98 20.00
C PRO B 72 -11.36 16.04 20.90
N THR B 73 -10.54 16.50 21.85
CA THR B 73 -10.86 17.64 22.70
C THR B 73 -9.66 18.57 22.70
N GLU B 74 -9.84 19.75 23.31
CA GLU B 74 -8.74 20.71 23.32
C GLU B 74 -7.53 20.17 24.06
N LYS B 75 -7.74 19.44 25.16
CA LYS B 75 -6.62 19.08 26.03
C LYS B 75 -6.09 17.66 25.86
N ASP B 76 -6.85 16.71 25.31
CA ASP B 76 -6.36 15.35 25.21
C ASP B 76 -5.26 15.28 24.16
N GLU B 77 -4.18 14.57 24.48
CA GLU B 77 -3.10 14.32 23.53
C GLU B 77 -3.18 12.88 23.05
N TYR B 78 -2.74 12.68 21.81
CA TYR B 78 -2.73 11.37 21.21
C TYR B 78 -1.40 11.13 20.54
N ALA B 79 -1.08 9.86 20.34
CA ALA B 79 0.21 9.52 19.74
C ALA B 79 0.13 8.12 19.17
N CYS B 80 1.11 7.82 18.33
CA CYS B 80 1.34 6.46 17.90
C CYS B 80 2.72 6.01 18.35
N ARG B 81 2.81 4.78 18.87
CA ARG B 81 4.06 4.23 19.40
C ARG B 81 4.39 2.99 18.57
N VAL B 82 5.58 2.98 17.99
CA VAL B 82 5.94 1.95 17.02
C VAL B 82 7.24 1.29 17.46
N ASN B 83 7.26 -0.05 17.39
CA ASN B 83 8.52 -0.77 17.56
C ASN B 83 8.69 -1.71 16.38
N HIS B 84 9.94 -1.92 16.02
CA HIS B 84 10.34 -2.70 14.86
C HIS B 84 11.76 -3.14 15.11
N VAL B 85 12.19 -4.18 14.40
CA VAL B 85 13.54 -4.69 14.65
C VAL B 85 14.60 -3.61 14.43
N THR B 86 14.33 -2.65 13.53
CA THR B 86 15.29 -1.61 13.20
C THR B 86 15.40 -0.54 14.28
N LEU B 87 14.52 -0.54 15.27
CA LEU B 87 14.46 0.50 16.29
C LEU B 87 14.99 -0.04 17.61
N SER B 88 15.94 0.68 18.21
CA SER B 88 16.49 0.24 19.48
C SER B 88 15.49 0.41 20.62
N GLN B 89 14.59 1.38 20.50
CA GLN B 89 13.51 1.57 21.45
C GLN B 89 12.28 2.05 20.69
N PRO B 90 11.10 1.92 21.27
CA PRO B 90 9.90 2.38 20.56
C PRO B 90 9.99 3.86 20.22
N LYS B 91 9.47 4.19 19.05
CA LYS B 91 9.39 5.56 18.57
C LYS B 91 7.96 6.06 18.80
N ILE B 92 7.83 7.18 19.51
CA ILE B 92 6.53 7.79 19.77
C ILE B 92 6.40 9.02 18.90
N VAL B 93 5.34 9.08 18.12
CA VAL B 93 5.05 10.22 17.26
C VAL B 93 3.75 10.82 17.73
N LYS B 94 3.78 12.06 18.19
CA LYS B 94 2.57 12.68 18.72
C LYS B 94 1.70 13.16 17.58
N TRP B 95 0.39 13.12 17.81
CA TRP B 95 -0.54 13.66 16.82
C TRP B 95 -0.48 15.17 16.84
N ASP B 96 -0.24 15.76 15.69
CA ASP B 96 -0.33 17.21 15.49
C ASP B 96 -1.54 17.42 14.60
N ARG B 97 -2.57 18.05 15.13
CA ARG B 97 -3.78 18.19 14.31
C ARG B 97 -3.59 19.12 13.06
N ASP B 98 -2.35 19.52 12.74
CA ASP B 98 -2.02 20.27 11.52
C ASP B 98 -1.00 19.55 10.65
N MET B 99 -0.84 18.23 10.82
CA MET B 99 0.11 17.48 10.01
C MET B 99 -0.49 16.22 9.37
N LYS C 1 -10.16 -12.44 -9.41
CA LYS C 1 -9.93 -13.89 -9.22
C LYS C 1 -8.46 -14.19 -9.33
N ALA C 2 -7.93 -14.90 -8.34
CA ALA C 2 -6.49 -15.12 -8.25
C ALA C 2 -6.02 -16.13 -9.31
N GLY C 3 -4.73 -16.04 -9.64
CA GLY C 3 -4.13 -17.04 -10.50
C GLY C 3 -3.97 -18.36 -9.77
N GLN C 4 -3.97 -19.46 -10.53
CA GLN C 4 -3.84 -20.80 -9.96
C GLN C 4 -2.60 -21.53 -10.42
N VAL C 5 -1.75 -20.91 -11.22
CA VAL C 5 -0.56 -21.58 -11.73
C VAL C 5 0.35 -21.90 -10.55
N VAL C 6 0.81 -23.15 -10.45
CA VAL C 6 1.71 -23.53 -9.37
C VAL C 6 3.13 -23.14 -9.77
N THR C 7 3.78 -22.34 -8.94
CA THR C 7 5.11 -21.83 -9.25
C THR C 7 6.04 -22.15 -8.08
N ILE C 8 6.61 -23.35 -8.12
CA ILE C 8 7.58 -23.81 -7.14
C ILE C 8 8.96 -23.33 -7.59
N TRP C 9 9.71 -22.79 -6.67
CA TRP C 9 11.02 -22.27 -6.93
C TRP C 9 12.04 -23.40 -7.21
#